data_5EHI
#
_entry.id   5EHI
#
_cell.length_a   60.895
_cell.length_b   185.566
_cell.length_c   51.408
_cell.angle_alpha   90.00
_cell.angle_beta   90.00
_cell.angle_gamma   90.00
#
_symmetry.space_group_name_H-M   'P 21 21 2'
#
loop_
_entity.id
_entity.type
_entity.pdbx_description
1 polymer 'NS5 methyltransferase dengue virus'
2 non-polymer S-ADENOSYLMETHIONINE
3 non-polymer '4-[[3-[(2-azanyl-4-chloranyl-phenyl)carbamoylamino]phenyl]sulfonylamino]benzoic acid'
4 water water
#
_entity_poly.entity_id   1
_entity_poly.type   'polypeptide(L)'
_entity_poly.pdbx_seq_one_letter_code
;GTGSQGETLGEKWKKKLNQLSRKEFDLYKKSGITEVDRTEAKEGLKRGETTHHAVSRGSAKLQWFVERNMVIPEGRVIDL
GCGRGGWSYYCAGLKKVTEVRGYTKGGPGHEEPVPMSTYGWNIVKLMSGKDVFYLPPEKCDTLLCDIGESSPSPTVEESR
TIRVLKMVEPWLKNNQFCIKVLNPYMPTVIEHLERLQRKHGGMLVRNPLSRNSTHEMYWISNGTGNIVSSVNMVSRLLLN
RFTMTHRRPTIEKDVDLGAGTRHVNAEPETPNMDVI
;
_entity_poly.pdbx_strand_id   A,C
#
loop_
_chem_comp.id
_chem_comp.type
_chem_comp.name
_chem_comp.formula
5O3 non-polymer '4-[[3-[(2-azanyl-4-chloranyl-phenyl)carbamoylamino]phenyl]sulfonylamino]benzoic acid' 'C20 H17 Cl N4 O5 S'
SAM non-polymer S-ADENOSYLMETHIONINE 'C15 H22 N6 O5 S'
#
# COMPACT_ATOMS: atom_id res chain seq x y z
N GLU A 7 -9.86 13.96 -26.46
CA GLU A 7 -9.83 12.96 -27.52
C GLU A 7 -10.85 11.84 -27.31
N THR A 8 -10.91 11.22 -26.07
CA THR A 8 -11.94 10.20 -25.83
C THR A 8 -13.30 10.86 -25.63
N LEU A 9 -14.37 10.09 -25.81
CA LEU A 9 -15.73 10.57 -25.55
C LEU A 9 -15.81 11.04 -24.08
N GLY A 10 -15.11 10.35 -23.18
CA GLY A 10 -15.13 10.71 -21.78
C GLY A 10 -14.52 12.07 -21.53
N GLU A 11 -13.49 12.40 -22.30
CA GLU A 11 -12.87 13.70 -22.16
C GLU A 11 -13.80 14.82 -22.62
N LYS A 12 -14.63 14.55 -23.65
CA LYS A 12 -15.61 15.53 -24.10
C LYS A 12 -16.71 15.71 -23.06
N TRP A 13 -17.12 14.61 -22.45
CA TRP A 13 -18.08 14.67 -21.36
C TRP A 13 -17.56 15.51 -20.19
N LYS A 14 -16.31 15.29 -19.78
CA LYS A 14 -15.78 16.03 -18.66
C LYS A 14 -15.63 17.52 -18.94
N LYS A 15 -15.23 17.89 -20.17
N LYS A 15 -15.23 17.89 -20.17
CA LYS A 15 -15.10 19.28 -20.56
CA LYS A 15 -15.09 19.28 -20.59
C LYS A 15 -16.46 19.97 -20.51
C LYS A 15 -16.46 19.96 -20.52
N LYS A 16 -17.52 19.28 -21.01
CA LYS A 16 -18.87 19.84 -21.00
C LYS A 16 -19.39 19.96 -19.55
N LEU A 17 -19.15 18.94 -18.71
CA LEU A 17 -19.53 18.99 -17.31
C LEU A 17 -18.90 20.20 -16.62
N ASN A 18 -17.62 20.47 -16.91
CA ASN A 18 -16.92 21.63 -16.33
C ASN A 18 -17.42 22.97 -16.84
N GLN A 19 -18.16 23.01 -17.94
CA GLN A 19 -18.70 24.28 -18.45
C GLN A 19 -20.01 24.62 -17.80
N LEU A 20 -20.67 23.67 -17.13
CA LEU A 20 -21.96 23.96 -16.53
C LEU A 20 -21.93 24.93 -15.36
N SER A 21 -22.95 25.80 -15.26
CA SER A 21 -23.12 26.62 -14.08
C SER A 21 -23.56 25.68 -12.93
N ARG A 22 -23.57 26.17 -11.70
CA ARG A 22 -24.03 25.35 -10.60
C ARG A 22 -25.49 24.89 -10.78
N LYS A 23 -26.33 25.81 -11.24
CA LYS A 23 -27.73 25.53 -11.52
C LYS A 23 -27.85 24.40 -12.58
N GLU A 24 -27.10 24.54 -13.67
CA GLU A 24 -27.11 23.50 -14.72
C GLU A 24 -26.57 22.17 -14.18
N PHE A 25 -25.50 22.21 -13.40
CA PHE A 25 -24.89 21.02 -12.84
C PHE A 25 -25.85 20.27 -11.93
N ASP A 26 -26.58 21.04 -11.11
CA ASP A 26 -27.54 20.48 -10.19
C ASP A 26 -28.68 19.83 -10.94
N LEU A 27 -29.10 20.39 -12.10
CA LEU A 27 -30.18 19.81 -12.93
C LEU A 27 -29.68 18.60 -13.71
N TYR A 28 -28.39 18.54 -14.03
CA TYR A 28 -27.83 17.44 -14.82
C TYR A 28 -27.50 16.22 -13.98
N LYS A 29 -26.94 16.42 -12.77
CA LYS A 29 -26.35 15.33 -12.04
C LYS A 29 -27.28 14.18 -11.72
N LYS A 30 -28.58 14.43 -11.62
CA LYS A 30 -29.50 13.33 -11.33
C LYS A 30 -30.47 13.07 -12.47
N SER A 31 -30.26 13.67 -13.66
CA SER A 31 -31.20 13.53 -14.76
C SER A 31 -31.20 12.12 -15.31
N GLY A 32 -32.33 11.42 -15.17
CA GLY A 32 -32.47 10.06 -15.67
C GLY A 32 -31.78 8.97 -14.85
N ILE A 33 -31.22 9.30 -13.68
CA ILE A 33 -30.56 8.27 -12.87
C ILE A 33 -31.60 7.54 -12.06
N THR A 34 -31.17 6.51 -11.36
CA THR A 34 -32.00 5.83 -10.40
C THR A 34 -31.51 6.27 -9.02
N GLU A 35 -32.43 6.41 -8.05
CA GLU A 35 -32.01 6.70 -6.70
C GLU A 35 -32.96 6.08 -5.72
N VAL A 36 -32.47 5.72 -4.56
CA VAL A 36 -33.32 5.24 -3.48
C VAL A 36 -33.82 6.40 -2.67
N ASP A 37 -35.05 6.27 -2.16
CA ASP A 37 -35.63 7.31 -1.34
C ASP A 37 -35.06 7.18 0.07
N ARG A 38 -34.21 8.13 0.45
CA ARG A 38 -33.50 8.13 1.72
C ARG A 38 -34.23 8.83 2.84
N THR A 39 -35.46 9.29 2.59
CA THR A 39 -36.19 10.08 3.60
C THR A 39 -36.27 9.40 4.96
N GLU A 40 -36.73 8.15 4.99
CA GLU A 40 -36.96 7.46 6.27
C GLU A 40 -35.65 7.18 6.97
N ALA A 41 -34.63 6.75 6.22
CA ALA A 41 -33.34 6.48 6.84
C ALA A 41 -32.70 7.75 7.39
N LYS A 42 -32.77 8.86 6.66
CA LYS A 42 -32.17 10.10 7.16
C LYS A 42 -32.88 10.53 8.45
N GLU A 43 -34.22 10.42 8.50
N GLU A 43 -34.21 10.44 8.49
CA GLU A 43 -34.95 10.81 9.70
CA GLU A 43 -34.88 10.85 9.72
C GLU A 43 -34.61 9.91 10.89
C GLU A 43 -34.49 9.92 10.88
N GLY A 44 -34.45 8.61 10.63
CA GLY A 44 -34.09 7.65 11.67
C GLY A 44 -32.69 7.90 12.21
N LEU A 45 -31.74 8.08 11.30
CA LEU A 45 -30.34 8.35 11.63
C LEU A 45 -30.20 9.65 12.43
N LYS A 46 -30.97 10.68 12.09
CA LYS A 46 -30.92 11.96 12.81
C LYS A 46 -31.33 11.76 14.29
N ARG A 47 -32.24 10.80 14.54
N ARG A 47 -32.23 10.80 14.56
CA ARG A 47 -32.76 10.41 15.86
CA ARG A 47 -32.67 10.50 15.93
C ARG A 47 -31.86 9.40 16.59
C ARG A 47 -31.81 9.45 16.62
N GLY A 48 -30.76 8.98 15.95
CA GLY A 48 -29.87 7.98 16.52
C GLY A 48 -30.39 6.57 16.50
N GLU A 49 -31.37 6.27 15.61
CA GLU A 49 -31.86 4.90 15.49
C GLU A 49 -30.75 4.04 14.91
N THR A 50 -30.62 2.82 15.45
CA THR A 50 -29.51 1.91 15.08
C THR A 50 -29.95 0.67 14.41
N THR A 51 -31.25 0.49 14.21
CA THR A 51 -31.73 -0.71 13.51
C THR A 51 -32.39 -0.30 12.21
N HIS A 52 -32.47 -1.25 11.28
CA HIS A 52 -33.10 -1.18 9.97
C HIS A 52 -32.44 -0.29 8.94
N HIS A 53 -32.08 0.94 9.32
CA HIS A 53 -31.59 1.89 8.35
C HIS A 53 -30.20 1.60 7.85
N ALA A 54 -30.01 1.86 6.56
CA ALA A 54 -28.69 1.90 5.97
C ALA A 54 -28.08 3.27 6.32
N VAL A 55 -26.76 3.27 6.59
CA VAL A 55 -26.11 4.51 7.01
C VAL A 55 -25.87 5.47 5.88
N SER A 56 -25.92 4.99 4.63
CA SER A 56 -25.63 5.81 3.46
C SER A 56 -26.37 5.20 2.29
N ARG A 57 -26.31 5.88 1.13
CA ARG A 57 -26.80 5.30 -0.12
C ARG A 57 -25.95 4.14 -0.61
N GLY A 58 -24.80 3.90 0.03
CA GLY A 58 -23.93 2.85 -0.43
C GLY A 58 -24.48 1.45 -0.25
N SER A 59 -25.27 1.21 0.83
CA SER A 59 -25.83 -0.14 0.99
C SER A 59 -26.67 -0.54 -0.25
N ALA A 60 -27.58 0.37 -0.69
CA ALA A 60 -28.35 0.04 -1.90
C ALA A 60 -27.47 -0.02 -3.13
N LYS A 61 -26.38 0.73 -3.19
CA LYS A 61 -25.53 0.74 -4.38
C LYS A 61 -24.83 -0.61 -4.52
N LEU A 62 -24.30 -1.17 -3.39
CA LEU A 62 -23.67 -2.46 -3.48
C LEU A 62 -24.70 -3.57 -3.66
N GLN A 63 -25.86 -3.45 -3.01
CA GLN A 63 -26.96 -4.39 -3.13
C GLN A 63 -27.32 -4.56 -4.61
N TRP A 64 -27.27 -3.50 -5.40
CA TRP A 64 -27.59 -3.60 -6.80
C TRP A 64 -26.70 -4.58 -7.52
N PHE A 65 -25.38 -4.55 -7.23
CA PHE A 65 -24.47 -5.50 -7.85
C PHE A 65 -24.67 -6.91 -7.31
N VAL A 66 -24.84 -7.04 -5.97
CA VAL A 66 -24.94 -8.35 -5.36
C VAL A 66 -26.18 -9.09 -5.84
N GLU A 67 -27.32 -8.37 -5.93
CA GLU A 67 -28.58 -9.05 -6.34
C GLU A 67 -28.56 -9.44 -7.78
N ARG A 68 -27.60 -8.96 -8.56
CA ARG A 68 -27.36 -9.38 -9.96
C ARG A 68 -26.23 -10.39 -10.05
N ASN A 69 -25.73 -10.87 -8.90
CA ASN A 69 -24.67 -11.88 -8.85
C ASN A 69 -23.35 -11.41 -9.48
N MET A 70 -23.15 -10.09 -9.56
CA MET A 70 -21.91 -9.56 -10.15
C MET A 70 -20.74 -9.65 -9.18
N VAL A 71 -21.04 -9.57 -7.88
CA VAL A 71 -20.11 -9.88 -6.78
C VAL A 71 -20.99 -10.59 -5.74
N ILE A 72 -20.45 -11.68 -5.16
CA ILE A 72 -21.28 -12.45 -4.22
C ILE A 72 -20.45 -12.56 -2.96
N PRO A 73 -20.65 -11.60 -2.03
CA PRO A 73 -19.85 -11.59 -0.81
C PRO A 73 -19.92 -12.86 -0.02
N GLU A 74 -18.77 -13.31 0.46
N GLU A 74 -18.76 -13.33 0.44
CA GLU A 74 -18.63 -14.54 1.22
CA GLU A 74 -18.62 -14.56 1.20
C GLU A 74 -17.42 -14.50 2.12
C GLU A 74 -17.43 -14.48 2.14
N GLY A 75 -17.45 -15.29 3.19
CA GLY A 75 -16.32 -15.43 4.10
C GLY A 75 -15.87 -14.14 4.71
N ARG A 76 -14.54 -13.88 4.70
CA ARG A 76 -14.00 -12.67 5.25
C ARG A 76 -14.02 -11.58 4.19
N VAL A 77 -14.81 -10.52 4.49
CA VAL A 77 -14.97 -9.39 3.58
C VAL A 77 -14.10 -8.23 4.07
N ILE A 78 -13.29 -7.68 3.17
CA ILE A 78 -12.55 -6.45 3.43
C ILE A 78 -13.26 -5.34 2.68
N ASP A 79 -13.51 -4.20 3.35
CA ASP A 79 -14.18 -3.07 2.73
C ASP A 79 -13.24 -1.86 2.85
N LEU A 80 -12.55 -1.58 1.74
CA LEU A 80 -11.61 -0.45 1.68
C LEU A 80 -12.30 0.82 1.35
N GLY A 81 -12.04 1.86 2.14
CA GLY A 81 -12.77 3.13 2.01
C GLY A 81 -14.20 3.00 2.51
N CYS A 82 -14.35 2.38 3.69
CA CYS A 82 -15.72 2.06 4.14
C CYS A 82 -16.58 3.31 4.49
N GLY A 83 -15.97 4.45 4.76
CA GLY A 83 -16.75 5.61 5.19
C GLY A 83 -17.61 5.30 6.40
N ARG A 84 -18.91 5.69 6.28
CA ARG A 84 -19.88 5.45 7.33
C ARG A 84 -20.15 3.97 7.53
N GLY A 85 -19.95 3.16 6.48
CA GLY A 85 -20.06 1.71 6.61
C GLY A 85 -21.18 1.07 5.80
N GLY A 86 -21.73 1.76 4.80
CA GLY A 86 -22.89 1.18 4.07
C GLY A 86 -22.62 -0.17 3.44
N TRP A 87 -21.46 -0.38 2.84
CA TRP A 87 -21.17 -1.66 2.23
C TRP A 87 -20.97 -2.71 3.29
N SER A 88 -20.28 -2.37 4.36
CA SER A 88 -19.97 -3.32 5.41
C SER A 88 -21.21 -3.82 6.13
N TYR A 89 -22.12 -2.90 6.49
CA TYR A 89 -23.35 -3.31 7.15
C TYR A 89 -24.27 -4.09 6.26
N TYR A 90 -24.25 -3.81 4.95
CA TYR A 90 -25.03 -4.62 4.03
C TYR A 90 -24.44 -6.05 3.96
N CYS A 91 -23.12 -6.18 3.76
CA CYS A 91 -22.51 -7.52 3.69
C CYS A 91 -22.71 -8.31 4.95
N ALA A 92 -22.74 -7.65 6.10
CA ALA A 92 -22.89 -8.34 7.37
C ALA A 92 -24.14 -9.17 7.49
N GLY A 93 -25.17 -8.86 6.70
CA GLY A 93 -26.42 -9.60 6.73
C GLY A 93 -26.52 -10.73 5.72
N LEU A 94 -25.49 -10.89 4.86
CA LEU A 94 -25.55 -11.89 3.79
C LEU A 94 -25.19 -13.25 4.27
N LYS A 95 -25.92 -14.26 3.80
CA LYS A 95 -25.73 -15.59 4.40
C LYS A 95 -24.32 -16.17 4.37
N LYS A 96 -23.60 -15.96 3.27
N LYS A 96 -23.54 -16.03 3.28
CA LYS A 96 -22.28 -16.52 3.06
CA LYS A 96 -22.22 -16.68 3.28
C LYS A 96 -21.16 -15.79 3.76
C LYS A 96 -21.13 -15.84 3.93
N VAL A 97 -21.43 -14.59 4.32
CA VAL A 97 -20.41 -13.77 4.95
C VAL A 97 -20.20 -14.15 6.40
N THR A 98 -18.92 -14.22 6.83
CA THR A 98 -18.65 -14.61 8.20
C THR A 98 -17.95 -13.50 9.00
N GLU A 99 -17.29 -12.52 8.34
CA GLU A 99 -16.60 -11.45 9.05
C GLU A 99 -16.49 -10.29 8.09
N VAL A 100 -16.61 -9.07 8.60
CA VAL A 100 -16.46 -7.88 7.77
C VAL A 100 -15.51 -6.97 8.45
N ARG A 101 -14.45 -6.55 7.71
CA ARG A 101 -13.51 -5.57 8.26
CA ARG A 101 -13.46 -5.62 8.24
C ARG A 101 -13.46 -4.39 7.32
N GLY A 102 -13.81 -3.19 7.86
CA GLY A 102 -13.82 -1.96 7.06
C GLY A 102 -12.67 -1.07 7.47
N TYR A 103 -12.07 -0.41 6.51
CA TYR A 103 -11.01 0.56 6.80
C TYR A 103 -11.34 1.88 6.15
N THR A 104 -11.14 3.01 6.81
CA THR A 104 -11.41 4.29 6.18
C THR A 104 -10.53 5.34 6.83
N LYS A 105 -10.29 6.42 6.10
CA LYS A 105 -9.40 7.48 6.55
C LYS A 105 -9.95 8.22 7.73
N GLY A 106 -11.20 8.66 7.66
CA GLY A 106 -11.75 9.51 8.69
C GLY A 106 -11.03 10.85 8.79
N GLY A 107 -11.31 11.57 9.84
CA GLY A 107 -10.72 12.90 10.03
C GLY A 107 -11.35 13.97 9.15
N PRO A 108 -10.85 15.20 9.29
CA PRO A 108 -11.40 16.33 8.52
C PRO A 108 -11.53 16.01 7.05
N GLY A 109 -12.71 16.29 6.50
CA GLY A 109 -13.01 16.05 5.09
C GLY A 109 -13.48 14.65 4.79
N HIS A 110 -13.64 13.81 5.84
CA HIS A 110 -13.97 12.39 5.61
C HIS A 110 -15.01 11.90 6.60
N GLU A 111 -15.91 11.04 6.13
N GLU A 111 -15.71 10.86 6.14
CA GLU A 111 -16.89 10.47 7.05
CA GLU A 111 -16.75 10.15 6.88
C GLU A 111 -16.19 9.49 8.03
C GLU A 111 -16.21 9.28 7.97
N GLU A 112 -16.77 9.36 9.19
CA GLU A 112 -16.37 8.41 10.20
C GLU A 112 -17.33 7.22 10.14
N PRO A 113 -16.87 6.04 10.54
CA PRO A 113 -17.81 4.91 10.65
C PRO A 113 -18.96 5.27 11.61
N VAL A 114 -20.18 4.80 11.29
CA VAL A 114 -21.35 5.02 12.13
C VAL A 114 -21.65 3.73 12.84
N PRO A 115 -21.72 3.71 14.17
CA PRO A 115 -22.04 2.44 14.85
C PRO A 115 -23.51 2.08 14.62
N MET A 116 -23.78 0.83 14.20
CA MET A 116 -25.18 0.43 13.98
C MET A 116 -25.43 -0.93 14.59
N SER A 117 -26.70 -1.29 14.68
CA SER A 117 -27.15 -2.56 15.24
C SER A 117 -28.02 -3.30 14.23
N THR A 118 -27.76 -3.08 12.92
CA THR A 118 -28.43 -3.80 11.85
C THR A 118 -28.00 -5.25 11.87
N TYR A 119 -28.74 -6.08 11.17
CA TYR A 119 -28.50 -7.53 11.24
C TYR A 119 -27.05 -7.86 10.91
N GLY A 120 -26.43 -8.63 11.80
CA GLY A 120 -25.03 -9.03 11.62
C GLY A 120 -24.03 -8.03 12.09
N TRP A 121 -24.46 -6.98 12.85
CA TRP A 121 -23.51 -6.01 13.34
C TRP A 121 -22.34 -6.61 14.09
N ASN A 122 -22.60 -7.74 14.79
CA ASN A 122 -21.56 -8.30 15.62
C ASN A 122 -20.37 -8.90 14.84
N ILE A 123 -20.47 -9.08 13.53
CA ILE A 123 -19.37 -9.61 12.74
C ILE A 123 -18.65 -8.49 11.99
N VAL A 124 -18.96 -7.24 12.30
CA VAL A 124 -18.32 -6.10 11.64
C VAL A 124 -17.39 -5.37 12.55
N LYS A 125 -16.23 -4.99 12.03
CA LYS A 125 -15.31 -4.09 12.71
C LYS A 125 -14.90 -3.02 11.70
N LEU A 126 -15.19 -1.74 12.04
CA LEU A 126 -14.87 -0.62 11.17
C LEU A 126 -13.78 0.17 11.85
N MET A 127 -12.70 0.45 11.13
N MET A 127 -12.71 0.44 11.12
CA MET A 127 -11.53 1.11 11.68
CA MET A 127 -11.54 1.13 11.65
C MET A 127 -11.19 2.36 10.90
C MET A 127 -11.36 2.42 10.88
N SER A 128 -11.27 3.51 11.60
CA SER A 128 -11.00 4.82 11.05
C SER A 128 -9.51 5.16 11.25
N GLY A 129 -9.07 6.27 10.67
CA GLY A 129 -7.68 6.67 10.79
C GLY A 129 -6.74 5.79 9.98
N LYS A 130 -7.27 5.13 8.93
CA LYS A 130 -6.51 4.17 8.14
C LYS A 130 -6.50 4.62 6.70
N ASP A 131 -5.36 5.05 6.21
CA ASP A 131 -5.16 5.37 4.81
C ASP A 131 -4.76 4.03 4.15
N VAL A 132 -5.59 3.55 3.26
CA VAL A 132 -5.37 2.23 2.65
C VAL A 132 -4.11 2.20 1.78
N PHE A 133 -3.58 3.34 1.35
CA PHE A 133 -2.38 3.36 0.54
C PHE A 133 -1.18 2.96 1.36
N TYR A 134 -1.34 2.86 2.69
CA TYR A 134 -0.23 2.40 3.54
C TYR A 134 -0.53 1.06 4.18
N LEU A 135 -1.67 0.44 3.84
CA LEU A 135 -2.02 -0.80 4.51
C LEU A 135 -1.43 -2.00 3.79
N PRO A 136 -0.80 -2.94 4.50
CA PRO A 136 -0.34 -4.15 3.82
C PRO A 136 -1.58 -5.03 3.54
N PRO A 137 -1.57 -5.79 2.45
CA PRO A 137 -2.75 -6.61 2.13
C PRO A 137 -3.00 -7.70 3.14
N GLU A 138 -4.29 -8.08 3.25
CA GLU A 138 -4.69 -9.15 4.17
C GLU A 138 -5.44 -10.22 3.40
N LYS A 139 -5.39 -11.46 3.91
CA LYS A 139 -6.14 -12.55 3.30
C LYS A 139 -7.63 -12.24 3.45
N CYS A 140 -8.39 -12.43 2.37
CA CYS A 140 -9.83 -12.23 2.43
C CYS A 140 -10.49 -13.02 1.31
N ASP A 141 -11.77 -13.28 1.49
CA ASP A 141 -12.55 -13.96 0.48
C ASP A 141 -13.28 -13.04 -0.44
N THR A 142 -13.50 -11.80 0.02
CA THR A 142 -14.17 -10.76 -0.75
C THR A 142 -13.39 -9.48 -0.52
N LEU A 143 -13.05 -8.80 -1.62
CA LEU A 143 -12.35 -7.53 -1.53
C LEU A 143 -13.25 -6.47 -2.15
N LEU A 144 -13.63 -5.49 -1.33
CA LEU A 144 -14.45 -4.37 -1.82
C LEU A 144 -13.65 -3.10 -1.68
N CYS A 145 -13.79 -2.21 -2.66
CA CYS A 145 -13.11 -0.93 -2.54
C CYS A 145 -14.00 0.12 -3.19
N ASP A 146 -14.27 1.20 -2.47
CA ASP A 146 -15.14 2.28 -2.99
C ASP A 146 -14.42 3.62 -2.99
N ILE A 147 -13.11 3.60 -3.20
CA ILE A 147 -12.28 4.82 -3.18
C ILE A 147 -12.10 5.42 -4.53
N GLY A 148 -12.19 6.74 -4.56
CA GLY A 148 -11.91 7.51 -5.78
C GLY A 148 -12.63 8.81 -5.70
N GLU A 149 -11.90 9.86 -5.31
N GLU A 149 -11.91 9.87 -5.28
CA GLU A 149 -12.47 11.16 -5.07
CA GLU A 149 -12.51 11.17 -5.06
C GLU A 149 -12.57 11.96 -6.38
C GLU A 149 -12.58 11.96 -6.37
N SER A 150 -13.77 12.45 -6.70
CA SER A 150 -13.97 13.25 -7.93
C SER A 150 -13.19 14.55 -7.88
N SER A 151 -12.77 15.02 -9.04
CA SER A 151 -12.07 16.26 -9.15
C SER A 151 -12.44 16.91 -10.45
N PRO A 152 -12.50 18.23 -10.54
CA PRO A 152 -12.74 18.87 -11.84
C PRO A 152 -11.62 18.55 -12.81
N SER A 153 -10.40 18.18 -12.33
CA SER A 153 -9.31 17.88 -13.23
C SER A 153 -9.34 16.43 -13.68
N PRO A 154 -9.48 16.09 -14.98
CA PRO A 154 -9.46 14.66 -15.30
C PRO A 154 -8.10 14.05 -15.11
N THR A 155 -6.99 14.85 -15.18
CA THR A 155 -5.68 14.23 -14.94
C THR A 155 -5.51 13.86 -13.47
N VAL A 156 -6.08 14.66 -12.55
CA VAL A 156 -6.08 14.27 -11.14
C VAL A 156 -6.94 12.99 -11.00
N GLU A 157 -8.09 12.94 -11.67
CA GLU A 157 -8.90 11.73 -11.56
C GLU A 157 -8.20 10.52 -12.14
N GLU A 158 -7.44 10.69 -13.24
CA GLU A 158 -6.68 9.60 -13.85
C GLU A 158 -5.64 9.09 -12.84
N SER A 159 -4.89 10.01 -12.20
CA SER A 159 -3.89 9.63 -11.24
C SER A 159 -4.51 8.87 -10.07
N ARG A 160 -5.64 9.36 -9.56
CA ARG A 160 -6.29 8.73 -8.42
C ARG A 160 -6.78 7.33 -8.79
N THR A 161 -7.29 7.16 -10.05
CA THR A 161 -7.78 5.85 -10.49
C THR A 161 -6.65 4.85 -10.60
N ILE A 162 -5.55 5.25 -11.24
CA ILE A 162 -4.39 4.36 -11.38
C ILE A 162 -3.87 3.95 -10.02
N ARG A 163 -3.78 4.91 -9.08
CA ARG A 163 -3.28 4.57 -7.75
C ARG A 163 -4.15 3.53 -7.07
N VAL A 164 -5.47 3.65 -7.18
CA VAL A 164 -6.37 2.64 -6.59
C VAL A 164 -6.13 1.29 -7.29
N LEU A 165 -6.03 1.27 -8.62
CA LEU A 165 -5.85 -0.04 -9.30
C LEU A 165 -4.54 -0.73 -8.92
N LYS A 166 -3.48 0.05 -8.68
CA LYS A 166 -2.22 -0.54 -8.30
C LYS A 166 -2.33 -0.99 -6.84
N MET A 167 -3.02 -0.22 -5.98
CA MET A 167 -3.15 -0.58 -4.56
C MET A 167 -3.96 -1.88 -4.35
N VAL A 168 -5.05 -2.05 -5.10
CA VAL A 168 -5.94 -3.16 -4.84
C VAL A 168 -5.38 -4.49 -5.29
N GLU A 169 -4.52 -4.52 -6.32
CA GLU A 169 -4.12 -5.77 -6.92
C GLU A 169 -3.55 -6.78 -5.92
N PRO A 170 -2.66 -6.42 -4.99
CA PRO A 170 -2.15 -7.43 -4.05
C PRO A 170 -3.19 -8.03 -3.10
N TRP A 171 -4.34 -7.41 -2.99
CA TRP A 171 -5.43 -7.94 -2.19
C TRP A 171 -6.24 -9.02 -2.97
N LEU A 172 -6.05 -9.10 -4.31
CA LEU A 172 -6.80 -10.01 -5.19
C LEU A 172 -6.11 -11.33 -5.34
N LYS A 173 -6.75 -12.35 -4.82
CA LYS A 173 -6.20 -13.71 -4.77
C LYS A 173 -7.32 -14.67 -5.08
N ASN A 174 -7.83 -14.61 -6.32
CA ASN A 174 -8.90 -15.52 -6.71
C ASN A 174 -10.08 -15.42 -5.75
N ASN A 175 -10.44 -14.17 -5.38
CA ASN A 175 -11.54 -13.88 -4.46
C ASN A 175 -12.60 -13.07 -5.17
N GLN A 176 -13.74 -12.91 -4.51
CA GLN A 176 -14.79 -12.06 -5.05
C GLN A 176 -14.35 -10.60 -4.89
N PHE A 177 -14.75 -9.72 -5.81
CA PHE A 177 -14.35 -8.33 -5.66
C PHE A 177 -15.32 -7.38 -6.31
N CYS A 178 -15.28 -6.14 -5.84
CA CYS A 178 -16.06 -5.04 -6.40
C CYS A 178 -15.26 -3.77 -6.10
N ILE A 179 -14.71 -3.16 -7.15
CA ILE A 179 -13.77 -2.06 -6.99
C ILE A 179 -14.22 -0.87 -7.81
N LYS A 180 -14.31 0.30 -7.19
CA LYS A 180 -14.64 1.50 -7.93
C LYS A 180 -13.49 1.93 -8.81
N VAL A 181 -13.84 2.33 -10.02
N VAL A 181 -13.82 2.31 -10.05
CA VAL A 181 -12.93 2.87 -11.02
CA VAL A 181 -12.86 2.84 -11.03
C VAL A 181 -13.45 4.23 -11.32
C VAL A 181 -13.38 4.23 -11.36
N LEU A 182 -12.88 5.23 -10.65
CA LEU A 182 -13.35 6.61 -10.76
C LEU A 182 -13.40 7.17 -12.16
N ASN A 183 -12.26 7.06 -12.88
N ASN A 183 -12.28 7.04 -12.89
CA ASN A 183 -12.15 7.57 -14.23
CA ASN A 183 -12.18 7.59 -14.24
C ASN A 183 -11.72 6.40 -15.11
C ASN A 183 -11.70 6.46 -15.14
N PRO A 184 -12.64 5.75 -15.78
CA PRO A 184 -12.28 4.54 -16.51
C PRO A 184 -11.94 4.78 -17.97
N TYR A 185 -12.01 6.03 -18.48
CA TYR A 185 -11.92 6.22 -19.94
C TYR A 185 -10.54 6.61 -20.49
N MET A 186 -9.59 6.99 -19.60
CA MET A 186 -8.27 7.38 -20.14
C MET A 186 -7.51 6.19 -20.67
N PRO A 187 -6.79 6.33 -21.80
CA PRO A 187 -6.08 5.17 -22.35
C PRO A 187 -5.18 4.47 -21.33
N THR A 188 -4.52 5.21 -20.41
CA THR A 188 -3.64 4.57 -19.40
C THR A 188 -4.44 3.70 -18.44
N VAL A 189 -5.63 4.17 -18.06
CA VAL A 189 -6.50 3.39 -17.19
C VAL A 189 -7.02 2.16 -17.94
N ILE A 190 -7.46 2.33 -19.18
CA ILE A 190 -7.93 1.21 -19.95
C ILE A 190 -6.83 0.14 -20.03
N GLU A 191 -5.57 0.54 -20.25
CA GLU A 191 -4.47 -0.43 -20.34
C GLU A 191 -4.34 -1.21 -19.03
N HIS A 192 -4.41 -0.52 -17.89
CA HIS A 192 -4.36 -1.23 -16.60
C HIS A 192 -5.56 -2.16 -16.45
N LEU A 193 -6.77 -1.68 -16.81
CA LEU A 193 -7.95 -2.48 -16.65
C LEU A 193 -7.89 -3.72 -17.50
N GLU A 194 -7.37 -3.60 -18.73
CA GLU A 194 -7.30 -4.78 -19.57
C GLU A 194 -6.31 -5.81 -19.02
N ARG A 195 -5.17 -5.34 -18.53
CA ARG A 195 -4.19 -6.22 -17.92
C ARG A 195 -4.77 -6.91 -16.68
N LEU A 196 -5.49 -6.13 -15.84
CA LEU A 196 -6.09 -6.68 -14.64
C LEU A 196 -7.17 -7.70 -14.96
N GLN A 197 -7.97 -7.44 -16.00
CA GLN A 197 -9.01 -8.40 -16.42
C GLN A 197 -8.40 -9.68 -16.99
N ARG A 198 -7.29 -9.56 -17.70
CA ARG A 198 -6.61 -10.77 -18.23
C ARG A 198 -6.20 -11.69 -17.06
N LYS A 199 -5.67 -11.08 -15.97
N LYS A 199 -5.68 -11.12 -15.97
CA LYS A 199 -5.14 -11.75 -14.77
CA LYS A 199 -5.24 -11.96 -14.86
C LYS A 199 -6.19 -12.24 -13.77
C LYS A 199 -6.38 -12.38 -13.93
N HIS A 200 -7.22 -11.42 -13.49
CA HIS A 200 -8.21 -11.66 -12.44
C HIS A 200 -9.61 -11.81 -12.95
N GLY A 201 -9.83 -11.58 -14.24
CA GLY A 201 -11.16 -11.72 -14.82
C GLY A 201 -12.08 -10.57 -14.45
N GLY A 202 -13.37 -10.87 -14.46
CA GLY A 202 -14.36 -9.84 -14.17
C GLY A 202 -14.66 -8.91 -15.32
N MET A 203 -15.53 -7.93 -15.00
N MET A 203 -15.39 -7.83 -15.04
CA MET A 203 -16.05 -6.97 -15.96
CA MET A 203 -15.75 -6.87 -16.06
C MET A 203 -16.32 -5.60 -15.34
C MET A 203 -16.09 -5.56 -15.38
N LEU A 204 -16.26 -4.53 -16.15
CA LEU A 204 -16.56 -3.21 -15.65
C LEU A 204 -18.02 -2.93 -15.92
N VAL A 205 -18.74 -2.44 -14.88
CA VAL A 205 -20.18 -2.21 -14.94
C VAL A 205 -20.54 -0.81 -14.43
N ARG A 206 -21.46 -0.13 -15.13
CA ARG A 206 -22.04 1.09 -14.69
C ARG A 206 -23.27 0.82 -13.81
N ASN A 207 -23.26 1.36 -12.61
CA ASN A 207 -24.39 1.21 -11.72
C ASN A 207 -25.42 2.32 -12.04
N PRO A 208 -26.72 2.00 -12.20
CA PRO A 208 -27.72 3.04 -12.49
C PRO A 208 -27.92 4.07 -11.37
N LEU A 209 -27.44 3.68 -10.14
CA LEU A 209 -27.57 4.57 -8.99
C LEU A 209 -26.42 5.59 -8.96
N SER A 210 -25.45 5.49 -9.90
CA SER A 210 -24.40 6.51 -9.95
C SER A 210 -24.96 7.80 -10.56
N ARG A 211 -24.45 8.94 -10.09
N ARG A 211 -24.49 8.94 -10.08
CA ARG A 211 -24.80 10.28 -10.60
CA ARG A 211 -24.94 10.22 -10.65
C ARG A 211 -24.18 10.52 -11.98
C ARG A 211 -24.21 10.52 -11.96
N ASN A 212 -24.81 11.36 -12.81
CA ASN A 212 -24.23 11.69 -14.12
C ASN A 212 -22.97 12.54 -14.00
N SER A 213 -22.73 13.15 -12.82
CA SER A 213 -21.58 14.00 -12.57
C SER A 213 -20.31 13.19 -12.31
N THR A 214 -20.37 11.83 -12.35
CA THR A 214 -19.17 11.02 -12.23
C THR A 214 -19.25 9.96 -13.32
N HIS A 215 -18.12 9.62 -13.92
CA HIS A 215 -18.04 8.55 -14.91
C HIS A 215 -17.62 7.24 -14.23
N GLU A 216 -17.75 7.14 -12.92
CA GLU A 216 -17.35 5.93 -12.22
C GLU A 216 -18.01 4.68 -12.78
N MET A 217 -17.25 3.61 -12.78
CA MET A 217 -17.74 2.29 -13.07
C MET A 217 -17.11 1.34 -12.08
N TYR A 218 -17.63 0.15 -11.91
CA TYR A 218 -17.12 -0.79 -10.92
C TYR A 218 -16.61 -2.03 -11.59
N TRP A 219 -15.40 -2.44 -11.20
CA TRP A 219 -14.83 -3.69 -11.67
C TRP A 219 -15.29 -4.75 -10.68
N ILE A 220 -16.13 -5.67 -11.20
CA ILE A 220 -16.72 -6.73 -10.41
C ILE A 220 -16.18 -8.06 -10.91
N SER A 221 -16.16 -9.05 -10.03
CA SER A 221 -15.51 -10.29 -10.35
C SER A 221 -16.26 -11.25 -11.22
N ASN A 222 -17.60 -11.19 -11.24
CA ASN A 222 -18.37 -12.24 -11.92
C ASN A 222 -19.00 -11.68 -13.14
N GLY A 223 -18.25 -11.80 -14.23
CA GLY A 223 -18.73 -11.34 -15.52
C GLY A 223 -17.59 -11.29 -16.49
N THR A 224 -17.91 -11.09 -17.76
CA THR A 224 -16.94 -11.03 -18.81
C THR A 224 -17.41 -9.95 -19.73
N GLY A 225 -16.54 -9.54 -20.61
CA GLY A 225 -16.98 -8.54 -21.57
C GLY A 225 -15.87 -7.65 -22.03
N ASN A 226 -16.22 -6.73 -22.89
CA ASN A 226 -15.25 -5.86 -23.48
C ASN A 226 -15.26 -4.56 -22.71
N ILE A 227 -14.13 -4.25 -22.08
CA ILE A 227 -14.05 -3.05 -21.24
C ILE A 227 -14.22 -1.79 -22.07
N VAL A 228 -13.49 -1.67 -23.20
CA VAL A 228 -13.59 -0.47 -24.02
C VAL A 228 -15.06 -0.20 -24.44
N SER A 229 -15.74 -1.23 -24.90
CA SER A 229 -17.13 -1.05 -25.32
C SER A 229 -17.98 -0.56 -24.16
N SER A 230 -17.78 -1.14 -22.97
CA SER A 230 -18.61 -0.74 -21.83
C SER A 230 -18.36 0.71 -21.43
N VAL A 231 -17.11 1.16 -21.51
CA VAL A 231 -16.79 2.53 -21.11
C VAL A 231 -17.38 3.51 -22.12
N ASN A 232 -17.18 3.26 -23.43
CA ASN A 232 -17.71 4.15 -24.46
C ASN A 232 -19.24 4.22 -24.40
N MET A 233 -19.93 3.13 -24.06
N MET A 233 -19.92 3.11 -24.02
CA MET A 233 -21.36 3.19 -23.93
CA MET A 233 -21.37 3.09 -23.84
C MET A 233 -21.77 4.17 -22.78
C MET A 233 -21.75 4.14 -22.79
N VAL A 234 -21.03 4.16 -21.68
CA VAL A 234 -21.30 5.08 -20.59
C VAL A 234 -20.99 6.52 -21.03
N SER A 235 -19.87 6.74 -21.73
CA SER A 235 -19.60 8.11 -22.17
C SER A 235 -20.69 8.65 -23.07
N ARG A 236 -21.19 7.83 -23.98
CA ARG A 236 -22.26 8.29 -24.86
C ARG A 236 -23.55 8.50 -24.11
N LEU A 237 -23.83 7.68 -23.09
CA LEU A 237 -25.01 7.86 -22.26
C LEU A 237 -24.94 9.20 -21.52
N LEU A 238 -23.78 9.49 -20.90
CA LEU A 238 -23.63 10.70 -20.13
C LEU A 238 -23.62 11.93 -21.00
N LEU A 239 -23.05 11.82 -22.21
CA LEU A 239 -23.07 12.94 -23.13
C LEU A 239 -24.51 13.20 -23.62
N ASN A 240 -25.30 12.16 -23.85
CA ASN A 240 -26.68 12.32 -24.33
C ASN A 240 -27.55 12.93 -23.26
N ARG A 241 -27.22 12.70 -21.97
CA ARG A 241 -27.99 13.30 -20.89
C ARG A 241 -27.78 14.83 -20.76
N PHE A 242 -26.83 15.45 -21.49
CA PHE A 242 -26.72 16.91 -21.50
C PHE A 242 -27.72 17.54 -22.47
N THR A 243 -28.22 16.76 -23.43
CA THR A 243 -29.06 17.24 -24.55
C THR A 243 -30.41 17.70 -24.14
N MET A 244 -31.09 16.92 -23.28
CA MET A 244 -32.48 17.24 -22.95
C MET A 244 -32.65 17.83 -21.57
N THR A 245 -33.85 18.37 -21.33
CA THR A 245 -34.32 18.95 -20.07
C THR A 245 -34.26 17.84 -19.03
N HIS A 246 -34.02 18.20 -17.78
CA HIS A 246 -33.92 17.28 -16.66
C HIS A 246 -35.04 16.25 -16.64
N ARG A 247 -34.65 14.99 -16.57
CA ARG A 247 -35.57 13.87 -16.34
C ARG A 247 -35.43 13.55 -14.86
N ARG A 248 -36.53 13.68 -14.11
CA ARG A 248 -36.46 13.37 -12.68
C ARG A 248 -35.99 11.93 -12.48
N PRO A 249 -35.19 11.68 -11.43
CA PRO A 249 -34.67 10.32 -11.23
C PRO A 249 -35.74 9.28 -10.97
N THR A 250 -35.47 8.05 -11.38
CA THR A 250 -36.33 6.94 -11.11
C THR A 250 -36.15 6.60 -9.63
N ILE A 251 -37.25 6.58 -8.91
N ILE A 251 -37.19 6.80 -8.78
CA ILE A 251 -37.23 6.39 -7.48
CA ILE A 251 -37.08 6.59 -7.32
C ILE A 251 -37.40 4.95 -7.10
C ILE A 251 -37.47 5.15 -6.91
N GLU A 252 -36.56 4.48 -6.19
CA GLU A 252 -36.71 3.10 -5.69
C GLU A 252 -36.71 3.09 -4.17
N LYS A 253 -37.13 1.97 -3.57
CA LYS A 253 -37.13 1.81 -2.13
C LYS A 253 -35.72 1.61 -1.64
N ASP A 254 -35.42 2.19 -0.49
CA ASP A 254 -34.15 1.94 0.15
C ASP A 254 -34.20 0.56 0.85
N VAL A 255 -33.01 0.06 1.24
N VAL A 255 -33.03 0.07 1.24
CA VAL A 255 -32.79 -1.26 1.84
CA VAL A 255 -32.93 -1.24 1.87
C VAL A 255 -32.99 -1.30 3.35
C VAL A 255 -33.22 -1.21 3.38
N ASP A 256 -33.79 -2.28 3.84
CA ASP A 256 -34.03 -2.52 5.24
C ASP A 256 -33.02 -3.55 5.68
N LEU A 257 -32.04 -3.14 6.53
CA LEU A 257 -30.99 -4.03 6.97
C LEU A 257 -31.27 -4.72 8.27
N GLY A 258 -32.52 -4.64 8.74
CA GLY A 258 -32.97 -5.40 9.90
C GLY A 258 -32.25 -5.12 11.20
N ALA A 259 -32.21 -6.13 12.05
CA ALA A 259 -31.66 -6.08 13.41
C ALA A 259 -31.18 -7.46 13.81
N GLY A 260 -30.41 -7.52 14.88
CA GLY A 260 -30.02 -8.81 15.44
C GLY A 260 -28.58 -9.19 15.17
N THR A 261 -28.15 -10.20 15.90
CA THR A 261 -26.82 -10.73 15.81
C THR A 261 -26.81 -12.07 15.08
N ARG A 262 -25.60 -12.51 14.70
CA ARG A 262 -25.47 -13.83 14.07
C ARG A 262 -24.16 -14.56 14.41
N GLU B 7 20.10 2.77 -21.52
CA GLU B 7 20.62 2.85 -20.15
C GLU B 7 19.70 3.65 -19.23
N THR B 8 19.57 3.16 -18.01
CA THR B 8 18.76 3.80 -16.99
C THR B 8 19.54 4.95 -16.36
N LEU B 9 18.82 5.81 -15.65
CA LEU B 9 19.48 6.88 -14.98
C LEU B 9 20.43 6.35 -13.88
N GLY B 10 20.05 5.26 -13.23
CA GLY B 10 20.91 4.66 -12.19
C GLY B 10 22.21 4.13 -12.76
N GLU B 11 22.17 3.61 -14.02
CA GLU B 11 23.42 3.14 -14.64
C GLU B 11 24.33 4.32 -14.96
N LYS B 12 23.74 5.49 -15.29
CA LYS B 12 24.51 6.70 -15.60
C LYS B 12 25.17 7.21 -14.29
N TRP B 13 24.46 7.11 -13.17
CA TRP B 13 25.00 7.44 -11.85
C TRP B 13 26.16 6.49 -11.49
N LYS B 14 25.99 5.19 -11.80
CA LYS B 14 26.99 4.17 -11.45
C LYS B 14 28.29 4.40 -12.22
N LYS B 15 28.16 4.72 -13.52
CA LYS B 15 29.33 5.03 -14.35
C LYS B 15 30.11 6.20 -13.78
N LYS B 16 29.39 7.25 -13.34
CA LYS B 16 30.04 8.42 -12.75
C LYS B 16 30.68 8.05 -11.43
N LEU B 17 30.00 7.26 -10.60
CA LEU B 17 30.57 6.87 -9.31
C LEU B 17 31.89 6.07 -9.48
N ASN B 18 31.92 5.19 -10.47
CA ASN B 18 33.08 4.33 -10.75
C ASN B 18 34.29 5.10 -11.28
N GLN B 19 34.09 6.30 -11.81
CA GLN B 19 35.24 7.05 -12.32
C GLN B 19 35.73 8.11 -11.32
N LEU B 20 35.14 8.15 -10.08
CA LEU B 20 35.60 9.10 -9.06
C LEU B 20 36.94 8.65 -8.48
N SER B 21 37.81 9.61 -8.18
CA SER B 21 39.03 9.24 -7.48
C SER B 21 38.69 8.88 -6.03
N ARG B 22 39.62 8.24 -5.31
CA ARG B 22 39.49 7.84 -3.91
C ARG B 22 39.00 9.00 -3.02
N LYS B 23 39.63 10.19 -3.16
CA LYS B 23 39.31 11.38 -2.39
C LYS B 23 37.92 11.93 -2.74
N GLU B 24 37.60 12.00 -4.06
CA GLU B 24 36.31 12.47 -4.62
C GLU B 24 35.17 11.62 -4.09
N PHE B 25 35.38 10.29 -4.01
CA PHE B 25 34.42 9.32 -3.49
C PHE B 25 34.07 9.55 -2.02
N ASP B 26 35.08 9.65 -1.13
CA ASP B 26 34.83 9.80 0.32
C ASP B 26 34.08 11.10 0.65
N LEU B 27 34.32 12.15 -0.13
CA LEU B 27 33.60 13.40 0.01
C LEU B 27 32.16 13.21 -0.48
N TYR B 28 31.98 12.80 -1.75
CA TYR B 28 30.66 12.57 -2.32
C TYR B 28 29.76 11.70 -1.46
N LYS B 29 30.30 10.58 -0.93
CA LYS B 29 29.43 9.61 -0.25
C LYS B 29 28.64 10.17 0.93
N LYS B 30 29.13 11.25 1.57
CA LYS B 30 28.41 11.78 2.72
C LYS B 30 27.73 13.11 2.44
N SER B 31 27.86 13.65 1.21
CA SER B 31 27.30 14.97 0.96
C SER B 31 25.79 15.05 1.10
N GLY B 32 25.34 15.87 2.05
CA GLY B 32 23.93 16.10 2.30
C GLY B 32 23.18 14.94 2.96
N ILE B 33 23.90 13.88 3.40
CA ILE B 33 23.20 12.75 4.02
C ILE B 33 22.91 13.02 5.48
N THR B 34 22.16 12.14 6.11
CA THR B 34 21.98 12.19 7.54
C THR B 34 22.84 11.03 8.07
N GLU B 35 23.48 11.25 9.20
CA GLU B 35 24.23 10.18 9.86
C GLU B 35 24.19 10.31 11.35
N VAL B 36 24.27 9.16 12.02
CA VAL B 36 24.34 9.16 13.47
C VAL B 36 25.77 9.30 13.93
N ASP B 37 25.98 9.98 15.05
CA ASP B 37 27.34 10.13 15.58
C ASP B 37 27.71 8.86 16.33
N ARG B 38 28.62 8.08 15.75
CA ARG B 38 29.05 6.78 16.26
C ARG B 38 30.27 6.84 17.18
N THR B 39 30.75 8.07 17.48
CA THR B 39 31.96 8.26 18.30
C THR B 39 31.91 7.54 19.64
N GLU B 40 30.85 7.78 20.44
CA GLU B 40 30.74 7.18 21.77
C GLU B 40 30.52 5.68 21.68
N ALA B 41 29.72 5.23 20.72
CA ALA B 41 29.45 3.81 20.55
C ALA B 41 30.70 3.03 20.12
N LYS B 42 31.48 3.56 19.16
CA LYS B 42 32.69 2.88 18.72
C LYS B 42 33.66 2.73 19.88
N GLU B 43 33.78 3.77 20.72
CA GLU B 43 34.64 3.72 21.90
C GLU B 43 34.16 2.64 22.88
N GLY B 44 32.88 2.65 23.20
CA GLY B 44 32.30 1.67 24.12
C GLY B 44 32.45 0.24 23.64
N LEU B 45 32.21 -0.01 22.35
CA LEU B 45 32.33 -1.36 21.82
C LEU B 45 33.78 -1.81 21.81
N LYS B 46 34.71 -0.87 21.56
CA LYS B 46 36.15 -1.13 21.63
C LYS B 46 36.47 -1.65 23.06
N ARG B 47 35.82 -1.08 24.09
N ARG B 47 35.82 -1.08 24.09
CA ARG B 47 36.05 -1.45 25.49
CA ARG B 47 36.02 -1.44 25.50
C ARG B 47 35.21 -2.66 25.97
C ARG B 47 35.22 -2.68 25.96
N GLY B 48 34.45 -3.27 25.07
CA GLY B 48 33.65 -4.45 25.38
C GLY B 48 32.40 -4.11 26.17
N GLU B 49 31.91 -2.86 26.06
CA GLU B 49 30.66 -2.46 26.73
C GLU B 49 29.51 -3.09 25.99
N THR B 50 28.55 -3.62 26.73
CA THR B 50 27.43 -4.37 26.16
C THR B 50 26.09 -3.73 26.35
N THR B 51 25.99 -2.58 27.04
CA THR B 51 24.71 -1.92 27.23
C THR B 51 24.70 -0.61 26.41
N HIS B 52 23.50 -0.16 26.10
CA HIS B 52 23.19 1.10 25.43
C HIS B 52 23.60 1.18 23.98
N HIS B 53 24.81 0.78 23.63
CA HIS B 53 25.26 0.97 22.27
C HIS B 53 24.61 0.09 21.25
N ALA B 54 24.37 0.68 20.06
CA ALA B 54 24.05 -0.09 18.90
C ALA B 54 25.37 -0.69 18.38
N VAL B 55 25.31 -1.92 17.87
CA VAL B 55 26.50 -2.60 17.38
C VAL B 55 26.95 -2.08 16.03
N SER B 56 26.08 -1.36 15.31
CA SER B 56 26.37 -0.86 13.98
C SER B 56 25.46 0.32 13.72
N ARG B 57 25.66 0.96 12.58
CA ARG B 57 24.76 2.01 12.10
C ARG B 57 23.38 1.46 11.74
N GLY B 58 23.25 0.13 11.66
CA GLY B 58 21.99 -0.45 11.21
C GLY B 58 20.84 -0.20 12.16
N SER B 59 21.06 -0.14 13.50
CA SER B 59 19.94 0.12 14.40
C SER B 59 19.26 1.45 14.06
N ALA B 60 20.05 2.53 13.92
CA ALA B 60 19.43 3.82 13.59
C ALA B 60 18.79 3.78 12.18
N LYS B 61 19.40 3.03 11.26
CA LYS B 61 18.85 2.96 9.93
C LYS B 61 17.45 2.33 9.95
N LEU B 62 17.31 1.22 10.68
CA LEU B 62 15.99 0.57 10.74
C LEU B 62 15.01 1.44 11.52
N GLN B 63 15.48 2.08 12.60
CA GLN B 63 14.58 2.96 13.36
C GLN B 63 13.96 4.03 12.46
N TRP B 64 14.69 4.55 11.45
CA TRP B 64 14.09 5.60 10.61
C TRP B 64 12.83 5.05 9.93
N PHE B 65 12.88 3.80 9.47
CA PHE B 65 11.67 3.21 8.86
C PHE B 65 10.60 2.95 9.90
N VAL B 66 10.96 2.42 11.07
CA VAL B 66 9.96 2.02 12.07
C VAL B 66 9.23 3.22 12.68
N GLU B 67 9.95 4.31 12.89
CA GLU B 67 9.29 5.46 13.50
C GLU B 67 8.32 6.13 12.54
N ARG B 68 8.37 5.75 11.25
CA ARG B 68 7.44 6.26 10.23
C ARG B 68 6.43 5.19 9.86
N ASN B 69 6.37 4.08 10.63
CA ASN B 69 5.39 3.00 10.40
C ASN B 69 5.56 2.34 9.02
N MET B 70 6.75 2.41 8.44
CA MET B 70 6.99 1.79 7.11
C MET B 70 7.06 0.28 7.22
N VAL B 71 7.60 -0.17 8.35
CA VAL B 71 7.57 -1.57 8.78
C VAL B 71 7.29 -1.48 10.27
N ILE B 72 6.42 -2.36 10.79
CA ILE B 72 6.03 -2.31 12.20
C ILE B 72 6.42 -3.62 12.81
N PRO B 73 7.63 -3.76 13.37
CA PRO B 73 8.05 -5.08 13.86
C PRO B 73 7.15 -5.58 14.96
N GLU B 74 6.80 -6.86 14.87
CA GLU B 74 5.92 -7.48 15.86
C GLU B 74 6.07 -8.95 15.87
N GLY B 75 5.71 -9.56 17.01
CA GLY B 75 5.74 -11.02 17.10
C GLY B 75 7.09 -11.63 16.82
N ARG B 76 7.11 -12.69 16.02
CA ARG B 76 8.32 -13.41 15.66
C ARG B 76 8.99 -12.69 14.50
N VAL B 77 10.20 -12.16 14.75
CA VAL B 77 10.96 -11.42 13.77
C VAL B 77 12.11 -12.25 13.28
N ILE B 78 12.23 -12.36 11.96
CA ILE B 78 13.35 -13.02 11.33
C ILE B 78 14.22 -11.97 10.71
N ASP B 79 15.51 -11.98 11.05
CA ASP B 79 16.46 -11.01 10.53
C ASP B 79 17.50 -11.73 9.67
N LEU B 80 17.29 -11.69 8.35
CA LEU B 80 18.19 -12.37 7.41
C LEU B 80 19.38 -11.49 7.07
N GLY B 81 20.58 -12.04 7.22
CA GLY B 81 21.84 -11.35 7.04
C GLY B 81 22.03 -10.39 8.19
N CYS B 82 21.92 -10.93 9.40
CA CYS B 82 21.95 -10.03 10.57
C CYS B 82 23.30 -9.37 10.83
N GLY B 83 24.38 -9.94 10.32
CA GLY B 83 25.71 -9.39 10.59
C GLY B 83 25.97 -9.28 12.08
N ARG B 84 26.45 -8.08 12.51
CA ARG B 84 26.72 -7.82 13.92
C ARG B 84 25.46 -7.83 14.78
N GLY B 85 24.30 -7.56 14.15
CA GLY B 85 23.03 -7.66 14.85
C GLY B 85 22.28 -6.35 15.07
N GLY B 86 22.62 -5.28 14.37
CA GLY B 86 21.98 -3.99 14.64
C GLY B 86 20.48 -3.97 14.52
N TRP B 87 19.93 -4.64 13.50
CA TRP B 87 18.47 -4.68 13.34
C TRP B 87 17.83 -5.54 14.40
N SER B 88 18.45 -6.66 14.74
CA SER B 88 17.92 -7.57 15.73
C SER B 88 17.88 -6.94 17.13
N TYR B 89 18.97 -6.28 17.57
CA TYR B 89 18.97 -5.69 18.90
C TYR B 89 18.05 -4.49 18.97
N TYR B 90 17.82 -3.79 17.85
CA TYR B 90 16.85 -2.71 17.89
C TYR B 90 15.44 -3.27 18.03
N CYS B 91 15.12 -4.30 17.23
CA CYS B 91 13.76 -4.87 17.31
C CYS B 91 13.48 -5.47 18.68
N ALA B 92 14.51 -6.00 19.34
CA ALA B 92 14.33 -6.64 20.63
C ALA B 92 13.80 -5.74 21.71
N GLY B 93 13.99 -4.43 21.57
CA GLY B 93 13.46 -3.49 22.56
C GLY B 93 12.04 -3.00 22.28
N LEU B 94 11.43 -3.44 21.17
CA LEU B 94 10.09 -2.92 20.80
C LEU B 94 8.99 -3.74 21.43
N LYS B 95 8.02 -3.07 22.06
CA LYS B 95 6.97 -3.75 22.81
C LYS B 95 6.28 -4.88 22.10
N LYS B 96 5.92 -4.68 20.82
CA LYS B 96 5.18 -5.67 20.04
C LYS B 96 5.96 -6.91 19.67
N VAL B 97 7.33 -6.87 19.74
CA VAL B 97 8.17 -7.98 19.31
C VAL B 97 8.30 -8.99 20.43
N THR B 98 8.17 -10.27 20.11
CA THR B 98 8.25 -11.33 21.13
C THR B 98 9.44 -12.22 20.99
N GLU B 99 10.02 -12.31 19.79
CA GLU B 99 11.18 -13.19 19.53
C GLU B 99 11.92 -12.66 18.33
N VAL B 100 13.28 -12.66 18.36
CA VAL B 100 14.07 -12.22 17.24
C VAL B 100 15.07 -13.30 16.89
N ARG B 101 15.02 -13.78 15.65
CA ARG B 101 15.97 -14.80 15.23
C ARG B 101 16.77 -14.22 14.05
N GLY B 102 18.05 -14.03 14.25
CA GLY B 102 18.94 -13.49 13.23
C GLY B 102 19.84 -14.54 12.66
N TYR B 103 20.08 -14.48 11.35
CA TYR B 103 20.91 -15.47 10.69
C TYR B 103 21.94 -14.74 9.85
N THR B 104 23.19 -15.17 9.92
CA THR B 104 24.23 -14.54 9.12
C THR B 104 25.28 -15.58 8.75
N LYS B 105 25.97 -15.38 7.63
CA LYS B 105 26.93 -16.38 7.19
C LYS B 105 28.21 -16.39 8.04
N GLY B 106 28.69 -15.22 8.45
CA GLY B 106 29.95 -15.15 9.19
C GLY B 106 31.09 -15.72 8.35
N GLY B 107 32.17 -16.07 9.02
CA GLY B 107 33.34 -16.60 8.34
C GLY B 107 34.29 -15.50 7.88
N PRO B 108 35.39 -15.87 7.22
CA PRO B 108 36.38 -14.85 6.80
C PRO B 108 35.83 -13.70 5.95
N GLY B 109 36.09 -12.46 6.38
CA GLY B 109 35.66 -11.26 5.68
C GLY B 109 34.19 -10.91 5.85
N HIS B 110 33.47 -11.62 6.76
CA HIS B 110 32.05 -11.35 7.00
C HIS B 110 31.84 -11.05 8.48
N GLU B 111 30.90 -10.17 8.76
CA GLU B 111 30.67 -9.78 10.14
CA GLU B 111 30.57 -9.74 10.09
C GLU B 111 30.09 -10.90 10.96
N GLU B 112 30.54 -10.98 12.21
CA GLU B 112 30.03 -11.97 13.12
C GLU B 112 29.05 -11.26 14.08
N PRO B 113 28.05 -11.99 14.56
CA PRO B 113 27.16 -11.41 15.57
C PRO B 113 27.97 -10.96 16.81
N VAL B 114 27.64 -9.77 17.35
CA VAL B 114 28.26 -9.20 18.55
C VAL B 114 27.31 -9.48 19.72
N PRO B 115 27.74 -10.18 20.79
CA PRO B 115 26.84 -10.41 21.93
C PRO B 115 26.64 -9.09 22.68
N MET B 116 25.39 -8.73 23.00
CA MET B 116 25.14 -7.51 23.73
C MET B 116 24.10 -7.79 24.79
N SER B 117 23.97 -6.82 25.72
N SER B 117 23.98 -6.84 25.73
CA SER B 117 23.02 -6.85 26.81
CA SER B 117 22.97 -6.88 26.79
C SER B 117 22.09 -5.63 26.77
C SER B 117 22.07 -5.65 26.76
N THR B 118 21.80 -5.12 25.55
CA THR B 118 20.89 -4.01 25.36
C THR B 118 19.48 -4.51 25.70
N TYR B 119 18.57 -3.57 25.90
CA TYR B 119 17.24 -3.93 26.39
C TYR B 119 16.56 -4.95 25.48
N GLY B 120 16.12 -6.05 26.07
CA GLY B 120 15.47 -7.13 25.36
C GLY B 120 16.40 -8.14 24.73
N TRP B 121 17.71 -8.06 25.04
CA TRP B 121 18.68 -8.99 24.44
C TRP B 121 18.26 -10.44 24.61
N ASN B 122 17.54 -10.76 25.69
CA ASN B 122 17.20 -12.17 25.99
C ASN B 122 16.25 -12.81 24.99
N ILE B 123 15.52 -11.98 24.19
CA ILE B 123 14.61 -12.55 23.21
C ILE B 123 15.29 -12.72 21.83
N VAL B 124 16.59 -12.45 21.77
CA VAL B 124 17.36 -12.50 20.53
C VAL B 124 18.20 -13.76 20.46
N LYS B 125 18.19 -14.44 19.33
CA LYS B 125 19.12 -15.52 19.05
C LYS B 125 19.77 -15.19 17.69
N LEU B 126 21.08 -14.92 17.69
CA LEU B 126 21.81 -14.63 16.44
C LEU B 126 22.61 -15.85 16.13
N MET B 127 22.43 -16.40 14.92
CA MET B 127 23.18 -17.58 14.49
C MET B 127 24.06 -17.28 13.34
N SER B 128 25.34 -17.56 13.53
N SER B 128 25.34 -17.56 13.53
CA SER B 128 26.33 -17.43 12.48
CA SER B 128 26.33 -17.43 12.48
C SER B 128 26.51 -18.76 11.78
C SER B 128 26.51 -18.76 11.78
N GLY B 129 27.24 -18.73 10.68
CA GLY B 129 27.49 -19.94 9.88
C GLY B 129 26.27 -20.43 9.13
N LYS B 130 25.28 -19.53 8.91
CA LYS B 130 24.05 -19.89 8.25
C LYS B 130 23.92 -19.13 6.95
N ASP B 131 23.87 -19.86 5.85
CA ASP B 131 23.62 -19.30 4.52
C ASP B 131 22.08 -19.25 4.34
N VAL B 132 21.50 -18.05 4.29
CA VAL B 132 20.04 -17.94 4.23
C VAL B 132 19.47 -18.47 2.93
N PHE B 133 20.29 -18.68 1.90
CA PHE B 133 19.76 -19.26 0.67
C PHE B 133 19.35 -20.68 0.91
N TYR B 134 19.82 -21.31 2.03
CA TYR B 134 19.47 -22.69 2.40
C TYR B 134 18.57 -22.77 3.64
N LEU B 135 18.00 -21.64 4.05
CA LEU B 135 17.13 -21.62 5.22
C LEU B 135 15.65 -21.78 4.77
N PRO B 136 15.01 -22.94 5.03
CA PRO B 136 13.62 -23.07 4.61
C PRO B 136 12.74 -22.01 5.28
N PRO B 137 11.87 -21.34 4.50
CA PRO B 137 10.95 -20.38 5.09
C PRO B 137 10.11 -20.99 6.20
N GLU B 138 9.92 -20.21 7.24
CA GLU B 138 9.17 -20.54 8.45
C GLU B 138 8.14 -19.45 8.63
N LYS B 139 7.08 -19.73 9.41
CA LYS B 139 6.08 -18.72 9.75
C LYS B 139 6.76 -17.66 10.64
N CYS B 140 6.50 -16.39 10.34
CA CYS B 140 7.02 -15.25 11.09
C CYS B 140 6.09 -14.08 10.89
N ASP B 141 6.16 -13.14 11.80
CA ASP B 141 5.27 -11.98 11.74
C ASP B 141 5.96 -10.81 11.09
N THR B 142 7.30 -10.80 11.13
CA THR B 142 8.11 -9.74 10.53
C THR B 142 9.30 -10.37 9.84
N LEU B 143 9.46 -10.08 8.56
CA LEU B 143 10.60 -10.57 7.78
C LEU B 143 11.49 -9.38 7.45
N LEU B 144 12.72 -9.43 7.93
CA LEU B 144 13.71 -8.39 7.67
C LEU B 144 14.87 -9.00 6.91
N CYS B 145 15.40 -8.28 5.94
CA CYS B 145 16.55 -8.80 5.20
C CYS B 145 17.40 -7.62 4.81
N ASP B 146 18.70 -7.66 5.12
CA ASP B 146 19.59 -6.55 4.82
C ASP B 146 20.82 -7.05 4.09
N ILE B 147 20.62 -7.87 3.08
CA ILE B 147 21.69 -8.49 2.32
C ILE B 147 21.86 -7.85 0.95
N GLY B 148 23.10 -7.58 0.60
CA GLY B 148 23.41 -7.09 -0.74
C GLY B 148 24.79 -6.51 -0.80
N GLU B 149 25.72 -7.25 -1.40
CA GLU B 149 27.12 -6.85 -1.50
C GLU B 149 27.34 -5.99 -2.75
N SER B 150 27.79 -4.74 -2.54
N SER B 150 27.81 -4.75 -2.54
CA SER B 150 28.08 -3.77 -3.60
CA SER B 150 28.10 -3.84 -3.64
C SER B 150 29.22 -4.26 -4.48
C SER B 150 29.17 -4.39 -4.54
N SER B 151 29.16 -3.94 -5.78
CA SER B 151 30.17 -4.28 -6.77
C SER B 151 30.27 -3.10 -7.70
N PRO B 152 31.45 -2.80 -8.29
CA PRO B 152 31.51 -1.75 -9.32
C PRO B 152 30.71 -2.17 -10.57
N SER B 153 30.46 -3.50 -10.75
CA SER B 153 29.68 -3.96 -11.87
C SER B 153 28.20 -3.95 -11.52
N PRO B 154 27.37 -3.17 -12.23
CA PRO B 154 25.93 -3.21 -11.91
C PRO B 154 25.30 -4.51 -12.40
N THR B 155 25.97 -5.27 -13.30
CA THR B 155 25.40 -6.55 -13.73
C THR B 155 25.64 -7.58 -12.62
N VAL B 156 26.77 -7.48 -11.93
CA VAL B 156 27.06 -8.35 -10.79
C VAL B 156 26.01 -8.01 -9.72
N GLU B 157 25.77 -6.71 -9.45
CA GLU B 157 24.78 -6.32 -8.44
C GLU B 157 23.35 -6.75 -8.82
N GLU B 158 22.99 -6.72 -10.12
CA GLU B 158 21.68 -7.16 -10.61
C GLU B 158 21.50 -8.66 -10.26
N SER B 159 22.54 -9.46 -10.50
CA SER B 159 22.52 -10.89 -10.17
C SER B 159 22.31 -11.09 -8.68
N ARG B 160 23.10 -10.39 -7.86
CA ARG B 160 23.01 -10.48 -6.40
C ARG B 160 21.61 -10.07 -5.90
N THR B 161 21.07 -8.97 -6.46
CA THR B 161 19.78 -8.43 -6.01
C THR B 161 18.68 -9.42 -6.36
N ILE B 162 18.67 -9.91 -7.62
CA ILE B 162 17.65 -10.85 -8.02
C ILE B 162 17.66 -12.12 -7.17
N ARG B 163 18.87 -12.59 -6.81
CA ARG B 163 18.98 -13.79 -5.99
C ARG B 163 18.33 -13.54 -4.62
N VAL B 164 18.56 -12.35 -4.05
CA VAL B 164 17.95 -12.01 -2.76
C VAL B 164 16.42 -11.97 -2.90
N LEU B 165 15.94 -11.33 -3.97
CA LEU B 165 14.49 -11.23 -4.14
C LEU B 165 13.82 -12.58 -4.29
N LYS B 166 14.45 -13.50 -5.01
CA LYS B 166 13.85 -14.81 -5.15
C LYS B 166 13.87 -15.56 -3.80
N MET B 167 14.90 -15.32 -2.97
CA MET B 167 15.01 -15.99 -1.68
C MET B 167 13.95 -15.45 -0.71
N VAL B 168 13.74 -14.14 -0.67
CA VAL B 168 12.81 -13.58 0.32
C VAL B 168 11.37 -13.92 0.04
N GLU B 169 11.00 -14.04 -1.25
CA GLU B 169 9.62 -14.16 -1.67
C GLU B 169 8.84 -15.22 -0.90
N PRO B 170 9.33 -16.47 -0.71
CA PRO B 170 8.48 -17.47 0.01
C PRO B 170 8.33 -17.23 1.50
N TRP B 171 9.01 -16.22 2.08
CA TRP B 171 8.85 -15.88 3.50
C TRP B 171 7.70 -14.90 3.65
N LEU B 172 7.21 -14.32 2.55
CA LEU B 172 6.20 -13.28 2.63
C LEU B 172 4.80 -13.89 2.58
N LYS B 173 4.10 -13.81 3.71
CA LYS B 173 2.78 -14.39 3.88
C LYS B 173 1.94 -13.40 4.65
N ASN B 174 1.54 -12.30 4.01
CA ASN B 174 0.74 -11.26 4.68
C ASN B 174 1.38 -10.85 6.02
N ASN B 175 2.69 -10.60 6.00
CA ASN B 175 3.41 -10.21 7.18
C ASN B 175 4.14 -8.91 6.95
N GLN B 176 4.66 -8.34 8.03
CA GLN B 176 5.43 -7.08 7.90
C GLN B 176 6.80 -7.42 7.30
N PHE B 177 7.36 -6.52 6.48
CA PHE B 177 8.68 -6.80 5.94
C PHE B 177 9.44 -5.53 5.61
N CYS B 178 10.76 -5.66 5.57
CA CYS B 178 11.69 -4.59 5.22
C CYS B 178 12.90 -5.28 4.64
N ILE B 179 13.11 -5.11 3.33
CA ILE B 179 14.09 -5.88 2.59
C ILE B 179 14.98 -4.96 1.77
N LYS B 180 16.33 -5.08 1.93
CA LYS B 180 17.22 -4.28 1.12
C LYS B 180 17.17 -4.73 -0.33
N VAL B 181 17.14 -3.74 -1.23
CA VAL B 181 17.24 -3.95 -2.68
C VAL B 181 18.53 -3.20 -3.05
N LEU B 182 19.63 -3.95 -3.13
CA LEU B 182 20.96 -3.40 -3.37
C LEU B 182 20.98 -2.50 -4.62
N ASN B 183 20.51 -3.06 -5.71
CA ASN B 183 20.50 -2.34 -6.98
C ASN B 183 19.08 -2.35 -7.52
N PRO B 184 18.30 -1.28 -7.30
CA PRO B 184 16.89 -1.29 -7.71
C PRO B 184 16.70 -0.68 -9.09
N TYR B 185 17.78 -0.25 -9.78
CA TYR B 185 17.59 0.49 -11.04
C TYR B 185 17.79 -0.35 -12.29
N MET B 186 18.44 -1.52 -12.17
CA MET B 186 18.66 -2.34 -13.36
C MET B 186 17.34 -2.83 -13.88
N PRO B 187 17.09 -2.78 -15.20
CA PRO B 187 15.76 -3.13 -15.74
C PRO B 187 15.17 -4.47 -15.27
N THR B 188 15.99 -5.53 -15.22
N THR B 188 15.96 -5.55 -15.22
CA THR B 188 15.54 -6.86 -14.83
CA THR B 188 15.40 -6.84 -14.79
C THR B 188 15.12 -6.88 -13.32
C THR B 188 15.01 -6.81 -13.31
N VAL B 189 15.74 -6.02 -12.49
CA VAL B 189 15.37 -5.89 -11.08
C VAL B 189 14.02 -5.17 -11.00
N ILE B 190 13.83 -4.09 -11.78
CA ILE B 190 12.55 -3.40 -11.79
C ILE B 190 11.42 -4.37 -12.17
N GLU B 191 11.63 -5.21 -13.20
N GLU B 191 11.64 -5.21 -13.20
CA GLU B 191 10.62 -6.16 -13.61
CA GLU B 191 10.62 -6.18 -13.62
C GLU B 191 10.28 -7.10 -12.46
C GLU B 191 10.28 -7.12 -12.48
N HIS B 192 11.29 -7.60 -11.76
CA HIS B 192 11.06 -8.51 -10.62
C HIS B 192 10.28 -7.81 -9.50
N LEU B 193 10.70 -6.58 -9.18
CA LEU B 193 10.01 -5.77 -8.17
C LEU B 193 8.56 -5.50 -8.49
N GLU B 194 8.26 -5.19 -9.75
N GLU B 194 8.27 -5.20 -9.76
CA GLU B 194 6.88 -4.94 -10.11
CA GLU B 194 6.91 -4.94 -10.18
C GLU B 194 6.03 -6.19 -9.92
C GLU B 194 6.04 -6.18 -9.97
N ARG B 195 6.57 -7.37 -10.27
CA ARG B 195 5.83 -8.62 -10.10
C ARG B 195 5.63 -8.87 -8.59
N LEU B 196 6.67 -8.62 -7.79
CA LEU B 196 6.57 -8.82 -6.34
C LEU B 196 5.57 -7.89 -5.68
N GLN B 197 5.52 -6.61 -6.11
CA GLN B 197 4.60 -5.64 -5.56
C GLN B 197 3.17 -6.00 -5.97
N ARG B 198 2.95 -6.54 -7.17
CA ARG B 198 1.59 -6.92 -7.54
C ARG B 198 1.07 -8.07 -6.69
N LYS B 199 1.99 -8.93 -6.21
CA LYS B 199 1.60 -10.07 -5.42
C LYS B 199 1.51 -9.74 -3.93
N HIS B 200 2.54 -9.05 -3.40
CA HIS B 200 2.66 -8.84 -1.95
C HIS B 200 2.45 -7.39 -1.48
N GLY B 201 2.35 -6.45 -2.40
CA GLY B 201 2.18 -5.06 -2.03
C GLY B 201 3.50 -4.46 -1.56
N GLY B 202 3.36 -3.42 -0.79
CA GLY B 202 4.51 -2.68 -0.33
C GLY B 202 5.01 -1.68 -1.34
N MET B 203 6.11 -0.99 -0.98
N MET B 203 6.11 -1.02 -0.97
N MET B 203 6.15 -1.06 -1.02
CA MET B 203 6.68 0.08 -1.76
CA MET B 203 6.74 0.02 -1.77
CA MET B 203 6.75 -0.04 -1.87
C MET B 203 8.19 0.23 -1.46
C MET B 203 8.23 0.12 -1.49
C MET B 203 8.24 0.05 -1.55
N LEU B 204 8.99 0.70 -2.44
CA LEU B 204 10.42 0.90 -2.27
C LEU B 204 10.58 2.28 -1.70
N VAL B 205 11.42 2.43 -0.65
N VAL B 205 11.47 2.42 -0.73
CA VAL B 205 11.68 3.69 0.05
CA VAL B 205 11.72 3.70 -0.10
C VAL B 205 13.21 3.90 0.18
C VAL B 205 13.23 3.88 -0.02
N ARG B 206 13.66 5.14 0.00
CA ARG B 206 15.05 5.52 0.19
C ARG B 206 15.22 6.04 1.64
N ASN B 207 16.21 5.51 2.33
CA ASN B 207 16.51 5.92 3.69
C ASN B 207 17.57 7.06 3.62
N PRO B 208 17.31 8.21 4.28
CA PRO B 208 18.28 9.32 4.24
C PRO B 208 19.61 9.02 4.92
N LEU B 209 19.64 7.95 5.72
N LEU B 209 19.66 7.94 5.69
CA LEU B 209 20.85 7.51 6.40
CA LEU B 209 20.87 7.54 6.36
C LEU B 209 21.73 6.66 5.47
C LEU B 209 21.74 6.66 5.46
N SER B 210 21.24 6.32 4.25
CA SER B 210 22.06 5.59 3.28
C SER B 210 23.07 6.60 2.70
N ARG B 211 24.26 6.14 2.42
CA ARG B 211 25.29 6.99 1.81
C ARG B 211 25.00 7.18 0.34
N ASN B 212 25.58 8.22 -0.24
CA ASN B 212 25.34 8.49 -1.65
C ASN B 212 26.05 7.51 -2.56
N SER B 213 27.02 6.76 -2.00
CA SER B 213 27.78 5.77 -2.74
C SER B 213 26.98 4.49 -3.01
N THR B 214 25.74 4.36 -2.49
CA THR B 214 24.95 3.20 -2.81
C THR B 214 23.56 3.69 -3.24
N HIS B 215 22.96 2.99 -4.19
CA HIS B 215 21.62 3.31 -4.67
C HIS B 215 20.60 2.41 -3.96
N GLU B 216 21.00 1.76 -2.85
CA GLU B 216 20.07 0.88 -2.18
C GLU B 216 18.76 1.53 -1.82
N MET B 217 17.67 0.74 -1.91
CA MET B 217 16.37 1.16 -1.43
C MET B 217 15.83 -0.04 -0.69
N TYR B 218 14.79 0.15 0.09
CA TYR B 218 14.23 -0.90 0.87
C TYR B 218 12.79 -1.11 0.51
N TRP B 219 12.45 -2.38 0.29
CA TRP B 219 11.06 -2.76 0.00
C TRP B 219 10.39 -3.00 1.34
N ILE B 220 9.44 -2.12 1.65
CA ILE B 220 8.73 -2.16 2.92
C ILE B 220 7.30 -2.55 2.71
N SER B 221 6.69 -3.17 3.70
CA SER B 221 5.36 -3.72 3.45
C SER B 221 4.25 -2.67 3.42
N ASN B 222 4.41 -1.57 4.15
CA ASN B 222 3.33 -0.64 4.38
C ASN B 222 3.37 0.53 3.47
N GLY B 223 2.92 0.32 2.26
CA GLY B 223 2.97 1.37 1.27
C GLY B 223 2.56 0.87 -0.08
N THR B 224 2.38 1.80 -0.99
CA THR B 224 1.98 1.57 -2.36
C THR B 224 2.72 2.62 -3.17
N GLY B 225 2.69 2.50 -4.47
CA GLY B 225 3.29 3.53 -5.29
C GLY B 225 3.92 2.98 -6.52
N ASN B 226 4.46 3.89 -7.33
CA ASN B 226 5.10 3.55 -8.59
C ASN B 226 6.58 3.32 -8.34
N ILE B 227 7.01 2.06 -8.47
CA ILE B 227 8.41 1.69 -8.23
C ILE B 227 9.36 2.40 -9.17
N VAL B 228 9.04 2.44 -10.47
CA VAL B 228 9.88 3.10 -11.45
C VAL B 228 10.11 4.56 -11.08
N SER B 229 9.05 5.28 -10.73
N SER B 229 9.05 5.26 -10.72
CA SER B 229 9.20 6.70 -10.38
CA SER B 229 9.11 6.66 -10.34
C SER B 229 10.03 6.87 -9.10
C SER B 229 10.00 6.87 -9.10
N SER B 230 9.83 6.02 -8.09
CA SER B 230 10.62 6.13 -6.87
C SER B 230 12.11 5.89 -7.11
N VAL B 231 12.43 4.91 -7.95
CA VAL B 231 13.81 4.62 -8.28
C VAL B 231 14.44 5.76 -9.05
N ASN B 232 13.74 6.29 -10.05
CA ASN B 232 14.27 7.39 -10.82
C ASN B 232 14.45 8.66 -9.99
N MET B 233 13.60 8.89 -8.99
CA MET B 233 13.77 10.04 -8.10
C MET B 233 15.06 9.92 -7.28
N VAL B 234 15.37 8.70 -6.86
CA VAL B 234 16.64 8.49 -6.15
C VAL B 234 17.80 8.69 -7.13
N SER B 235 17.73 8.13 -8.35
CA SER B 235 18.83 8.37 -9.28
C SER B 235 19.05 9.88 -9.48
N ARG B 236 17.96 10.65 -9.64
CA ARG B 236 18.11 12.10 -9.84
C ARG B 236 18.73 12.80 -8.61
N LEU B 237 18.35 12.35 -7.42
CA LEU B 237 18.89 12.92 -6.19
C LEU B 237 20.41 12.67 -6.12
N LEU B 238 20.82 11.43 -6.39
CA LEU B 238 22.24 11.05 -6.29
C LEU B 238 23.05 11.70 -7.38
N LEU B 239 22.46 11.91 -8.57
CA LEU B 239 23.17 12.66 -9.63
C LEU B 239 23.34 14.13 -9.26
N ASN B 240 22.30 14.76 -8.66
CA ASN B 240 22.42 16.15 -8.23
C ASN B 240 23.49 16.29 -7.16
N ARG B 241 23.63 15.32 -6.28
CA ARG B 241 24.65 15.43 -5.23
C ARG B 241 26.09 15.36 -5.74
N PHE B 242 26.35 14.91 -7.01
CA PHE B 242 27.73 14.93 -7.51
C PHE B 242 28.21 16.34 -7.67
N THR B 243 27.33 17.26 -8.15
CA THR B 243 27.73 18.64 -8.49
C THR B 243 27.32 19.73 -7.52
N MET B 244 26.34 19.46 -6.65
CA MET B 244 25.89 20.46 -5.70
C MET B 244 27.03 20.76 -4.72
N THR B 245 27.04 21.99 -4.17
CA THR B 245 28.04 22.38 -3.17
C THR B 245 28.08 21.29 -2.07
N HIS B 246 29.29 20.80 -1.71
CA HIS B 246 29.42 19.78 -0.65
C HIS B 246 28.77 20.28 0.64
N ARG B 247 27.89 19.44 1.20
CA ARG B 247 27.19 19.73 2.42
C ARG B 247 27.60 18.69 3.42
N ARG B 248 28.20 19.14 4.53
CA ARG B 248 28.59 18.20 5.56
C ARG B 248 27.33 17.46 6.06
N PRO B 249 27.44 16.17 6.39
CA PRO B 249 26.22 15.44 6.79
C PRO B 249 25.48 16.05 8.00
N THR B 250 24.16 15.87 8.05
CA THR B 250 23.34 16.28 9.18
C THR B 250 23.59 15.19 10.26
N ILE B 251 24.16 15.56 11.40
CA ILE B 251 24.55 14.64 12.47
C ILE B 251 23.44 14.54 13.48
N GLU B 252 23.05 13.30 13.81
CA GLU B 252 22.03 13.06 14.79
C GLU B 252 22.61 12.15 15.87
N LYS B 253 22.05 12.22 17.07
CA LYS B 253 22.47 11.37 18.18
C LYS B 253 22.06 9.94 17.83
N ASP B 254 22.98 8.98 18.06
CA ASP B 254 22.72 7.59 17.78
C ASP B 254 21.72 7.03 18.78
N VAL B 255 21.15 5.90 18.44
CA VAL B 255 20.15 5.25 19.30
C VAL B 255 20.74 4.85 20.63
N ASP B 256 19.93 4.89 21.68
CA ASP B 256 20.28 4.37 22.98
C ASP B 256 19.37 3.17 23.16
N LEU B 257 19.96 1.96 23.08
CA LEU B 257 19.18 0.74 23.18
C LEU B 257 19.04 0.18 24.57
N GLY B 258 19.42 0.97 25.57
CA GLY B 258 19.19 0.61 26.96
C GLY B 258 19.90 -0.63 27.44
N ALA B 259 19.33 -1.25 28.46
CA ALA B 259 19.95 -2.37 29.14
C ALA B 259 18.92 -3.22 29.79
N GLY B 260 19.24 -4.48 29.90
CA GLY B 260 18.46 -5.41 30.69
C GLY B 260 17.57 -6.35 29.92
N THR B 261 17.05 -7.34 30.62
CA THR B 261 16.13 -8.30 30.02
C THR B 261 14.71 -7.76 29.96
N ARG B 262 13.89 -8.34 29.10
N ARG B 262 13.90 -8.46 29.13
CA ARG B 262 12.46 -8.01 29.11
CA ARG B 262 12.45 -8.31 28.95
C ARG B 262 11.70 -9.28 29.51
C ARG B 262 11.75 -9.55 29.51
N SAM C . -19.11 2.39 0.48
N SAM C . -19.10 2.51 0.27
CA SAM C . -19.36 3.58 1.34
CA SAM C . -19.32 3.49 1.38
C SAM C . -20.70 3.41 2.06
C SAM C . -20.73 3.31 1.95
O SAM C . -21.49 2.58 1.61
O SAM C . -21.42 2.37 1.49
OXT SAM C . -20.92 4.16 3.04
OXT SAM C . -21.07 4.08 2.86
CB SAM C . -19.39 4.86 0.50
CB SAM C . -19.04 4.92 0.92
CG SAM C . -18.04 5.21 -0.11
CG SAM C . -17.57 5.03 0.54
SD SAM C . -17.20 6.14 1.10
SD SAM C . -17.16 6.72 -0.03
CE SAM C . -17.90 7.73 0.99
CE SAM C . -17.64 6.68 -1.77
C5' SAM C . -15.60 6.36 0.25
C5' SAM C . -15.37 6.62 -0.21
C4' SAM C . -14.62 6.70 1.35
C4' SAM C . -14.81 6.58 1.18
O4' SAM C . -13.25 6.55 0.96
O4' SAM C . -13.41 6.24 1.16
C3' SAM C . -14.74 8.14 1.90
C3' SAM C . -14.95 7.91 1.94
O3' SAM C . -15.44 8.11 3.14
O3' SAM C . -15.61 7.66 3.17
C2' SAM C . -13.29 8.58 2.07
C2' SAM C . -13.51 8.39 2.07
O2' SAM C . -13.03 9.13 3.36
O2' SAM C . -13.35 9.11 3.29
C1' SAM C . -12.56 7.26 1.96
C1' SAM C . -12.72 7.08 2.05
N9 SAM C . -11.15 7.37 1.59
N9 SAM C . -11.34 7.18 1.58
C8 SAM C . -10.58 8.26 0.71
C8 SAM C . -10.89 7.92 0.52
N7 SAM C . -9.29 8.11 0.56
N7 SAM C . -9.61 7.79 0.29
C5 SAM C . -8.98 7.06 1.41
C5 SAM C . -9.18 6.92 1.28
C6 SAM C . -7.77 6.43 1.75
C6 SAM C . -7.91 6.39 1.59
N6 SAM C . -6.57 6.83 1.27
N6 SAM C . -6.79 6.71 0.94
N1 SAM C . -7.81 5.40 2.62
N1 SAM C . -7.83 5.52 2.63
C2 SAM C . -8.98 5.07 3.17
C2 SAM C . -8.96 5.24 3.31
N3 SAM C . -10.19 5.59 2.94
N3 SAM C . -10.20 5.69 3.12
C4 SAM C . -10.12 6.59 2.04
C4 SAM C . -10.25 6.53 2.08
C1 5O3 D . -26.79 1.47 -21.29
C2 5O3 D . -25.56 1.54 -20.66
C3 5O3 D . -24.98 0.48 -20.00
C4 5O3 D . -25.64 -0.76 -19.99
C5 5O3 D . -26.85 -0.88 -20.63
C6 5O3 D . -27.79 -2.88 -19.53
C7 5O3 D . -29.13 -4.94 -18.97
C8 5O3 D . -30.24 -5.69 -19.40
C9 5O3 D . -30.94 -6.50 -18.51
C10 5O3 D . -30.56 -6.58 -17.14
C11 5O3 D . -29.43 -5.85 -16.68
C12 5O3 D . -27.38 -8.18 -15.26
C13 5O3 D . -27.01 -9.49 -14.88
C14 5O3 D . -25.92 -10.12 -15.53
C15 5O3 D . -25.21 -9.47 -16.58
C16 5O3 D . -24.07 -10.07 -17.31
C17 5O3 D . -25.57 -8.16 -16.94
C18 5O3 D . -26.63 -7.54 -16.29
C19 5O3 D . -28.71 -5.04 -17.63
CL 5O3 D . -24.64 3.04 -20.71
C 5O3 D . -27.44 0.23 -21.29
N3 5O3 D . -28.49 -7.48 -14.69
N 5O3 D . -28.73 0.10 -21.91
O 5O3 D . -27.27 -2.67 -18.42
N1 5O3 D . -27.59 -2.10 -20.64
S 5O3 D . -28.93 -5.91 -15.07
O1 5O3 D . -27.78 -5.05 -14.89
O2 5O3 D . -30.09 -5.61 -14.30
N2 5O3 D . -28.59 -4.00 -19.83
O4 5O3 D . -23.63 -11.27 -16.84
O3 5O3 D . -23.54 -9.65 -18.33
N SAM E . 21.36 -5.13 9.33
N SAM E . 21.32 -5.07 9.41
CA SAM E . 22.73 -5.42 9.81
CA SAM E . 22.74 -5.18 9.84
C SAM E . 23.05 -4.52 11.02
C SAM E . 22.95 -4.44 11.17
O SAM E . 22.19 -3.68 11.35
O SAM E . 22.00 -3.72 11.58
OXT SAM E . 24.15 -4.71 11.60
OXT SAM E . 24.04 -4.62 11.77
CB SAM E . 23.75 -5.24 8.68
CB SAM E . 23.69 -4.69 8.75
CG SAM E . 24.31 -6.56 8.13
CG SAM E . 23.67 -5.58 7.49
SD SAM E . 24.92 -6.23 6.50
SD SAM E . 24.82 -6.95 7.67
CE SAM E . 26.61 -5.83 6.62
CE SAM E . 26.36 -6.18 7.36
C5' SAM E . 24.69 -7.69 5.47
C5' SAM E . 24.50 -7.94 6.17
C4' SAM E . 25.15 -9.01 6.10
C4' SAM E . 25.14 -9.30 6.39
O4' SAM E . 24.70 -10.10 5.28
O4' SAM E . 24.51 -10.25 5.51
C3' SAM E . 26.67 -9.18 6.25
C3' SAM E . 26.64 -9.39 6.10
O3' SAM E . 27.02 -9.33 7.62
O3' SAM E . 27.39 -9.38 7.30
C2' SAM E . 27.00 -10.40 5.39
C2' SAM E . 26.79 -10.68 5.28
O2' SAM E . 28.03 -11.17 5.97
O2' SAM E . 27.78 -11.58 5.77
C1' SAM E . 25.66 -11.12 5.40
C1' SAM E . 25.42 -11.33 5.43
N9 SAM E . 25.45 -12.11 4.35
N9 SAM E . 25.02 -12.20 4.33
C8 SAM E . 25.78 -12.03 3.02
C8 SAM E . 25.22 -12.01 2.98
N7 SAM E . 25.42 -13.06 2.32
N7 SAM E . 24.82 -13.02 2.24
C5 SAM E . 24.79 -13.90 3.25
C5 SAM E . 24.33 -13.93 3.17
C6 SAM E . 24.19 -15.17 3.12
C6 SAM E . 23.72 -15.19 3.02
N6 SAM E . 24.21 -15.90 2.00
N6 SAM E . 23.69 -15.88 1.87
N1 SAM E . 23.63 -15.71 4.24
N1 SAM E . 23.27 -15.80 4.15
C2 SAM E . 23.70 -15.02 5.38
C2 SAM E . 23.44 -15.20 5.32
N3 SAM E . 24.28 -13.84 5.62
N3 SAM E . 24.04 -14.03 5.58
C4 SAM E . 24.80 -13.32 4.49
C4 SAM E . 24.44 -13.43 4.45
#